data_4UUQ
#
_entry.id   4UUQ
#
_cell.length_a   86.250
_cell.length_b   126.260
_cell.length_c   138.620
_cell.angle_alpha   90.00
_cell.angle_beta   90.00
_cell.angle_gamma   90.00
#
_symmetry.space_group_name_H-M   'I 2 2 2'
#
loop_
_entity.id
_entity.type
_entity.pdbx_description
1 polymer 'MONOGLYCERIDE LIPASE'
2 non-polymer '4-({[(4-chlorophenyl)sulfonyl]amino}methyl)piperidine-1-carboxylic acid'
3 water water
#
_entity_poly.entity_id   1
_entity_poly.type   'polypeptide(L)'
_entity_poly.pdbx_seq_one_letter_code
;MHHHHHHMETGPEDPSSMPEESSPRRTPQSIPYQDLPHLVNADGQYLFCRYWKPTGTPKALIFVSHGAGEHSGRYEELAR
MLMGLDLLVFAHDHVGHGQSEGERMVVSDFHVFVRDVLQHVDSMQKDYPGLPVFLLGHSMGGAIAILTAAERPGHFAGMV
LISPLVLANPESATTFKVLAAKVLNLVLPNLSLGPIDSSVLSRNKTEVDIYNSDPLICRAGLKVCFGIQLLNAVSRVERA
LPKLTVPFLLLQGSADRLCDSKGAYLLMELAKSQDKTLKIYEGAYHVLHKELPEVTNSVFHEINMWVSQRTATAGTASPP
;
_entity_poly.pdbx_strand_id   A,B
#
loop_
_chem_comp.id
_chem_comp.type
_chem_comp.name
_chem_comp.formula
64D non-polymer '4-({[(4-chlorophenyl)sulfonyl]amino}methyl)piperidine-1-carboxylic acid' 'C13 H17 Cl N2 O4 S'
#
# COMPACT_ATOMS: atom_id res chain seq x y z
N SER A 23 30.79 -28.58 30.51
CA SER A 23 29.52 -28.79 29.82
C SER A 23 29.31 -27.75 28.72
N PRO A 24 29.53 -28.13 27.46
CA PRO A 24 29.34 -27.19 26.34
C PRO A 24 27.91 -26.67 26.27
N ARG A 25 27.76 -25.39 25.98
CA ARG A 25 26.44 -24.77 25.90
C ARG A 25 25.57 -25.48 24.87
N ARG A 26 24.33 -25.75 25.25
CA ARG A 26 23.38 -26.43 24.38
C ARG A 26 22.11 -25.62 24.22
N THR A 27 21.39 -25.89 23.14
CA THR A 27 20.13 -25.21 22.88
C THR A 27 19.10 -25.67 23.90
N PRO A 28 17.99 -24.94 24.02
CA PRO A 28 16.96 -25.34 24.98
C PRO A 28 16.44 -26.74 24.68
N GLN A 29 16.72 -27.23 23.48
CA GLN A 29 16.30 -28.56 23.07
C GLN A 29 17.43 -29.57 23.20
N SER A 30 18.49 -29.18 23.91
CA SER A 30 19.62 -30.04 24.18
C SER A 30 20.64 -30.29 23.08
N ILE A 31 20.60 -29.53 21.99
CA ILE A 31 21.59 -29.69 20.93
C ILE A 31 22.77 -28.79 21.22
N PRO A 32 24.00 -29.34 21.18
CA PRO A 32 25.13 -28.46 21.47
C PRO A 32 25.27 -27.35 20.41
N TYR A 33 25.58 -26.15 20.87
CA TYR A 33 25.73 -25.00 19.98
C TYR A 33 26.90 -25.14 19.02
N GLN A 34 27.92 -25.87 19.41
CA GLN A 34 29.07 -26.06 18.53
C GLN A 34 28.67 -26.88 17.32
N ASP A 35 27.48 -27.47 17.37
CA ASP A 35 26.98 -28.27 16.27
C ASP A 35 25.99 -27.54 15.37
N LEU A 36 25.77 -26.26 15.65
CA LEU A 36 24.85 -25.45 14.86
C LEU A 36 25.42 -24.06 14.62
N PRO A 37 24.93 -23.36 13.59
CA PRO A 37 25.43 -22.00 13.36
C PRO A 37 24.87 -21.10 14.45
N HIS A 38 25.70 -20.24 15.00
CA HIS A 38 25.28 -19.39 16.10
C HIS A 38 26.16 -18.17 16.26
N LEU A 39 25.78 -17.32 17.21
CA LEU A 39 26.55 -16.14 17.58
C LEU A 39 26.28 -15.91 19.06
N VAL A 40 27.19 -15.21 19.73
CA VAL A 40 26.99 -14.91 21.15
C VAL A 40 26.71 -13.43 21.32
N ASN A 41 25.55 -13.10 21.89
CA ASN A 41 25.16 -11.71 22.07
C ASN A 41 25.91 -10.96 23.18
N ALA A 42 25.65 -9.65 23.25
CA ALA A 42 26.30 -8.79 24.24
C ALA A 42 26.04 -9.26 25.67
N ASP A 43 24.95 -9.99 25.87
CA ASP A 43 24.61 -10.48 27.20
C ASP A 43 25.23 -11.85 27.45
N GLY A 44 26.11 -12.28 26.55
CA GLY A 44 26.79 -13.55 26.68
C GLY A 44 25.88 -14.73 26.38
N GLN A 45 24.75 -14.46 25.74
CA GLN A 45 23.78 -15.50 25.41
C GLN A 45 23.94 -15.99 23.96
N TYR A 46 23.87 -17.30 23.79
CA TYR A 46 23.98 -17.92 22.47
C TYR A 46 22.69 -17.75 21.69
N LEU A 47 22.81 -17.37 20.42
CA LEU A 47 21.66 -17.23 19.54
C LEU A 47 21.82 -18.18 18.35
N PHE A 48 20.78 -18.98 18.09
CA PHE A 48 20.80 -19.90 16.97
C PHE A 48 20.69 -19.12 15.68
N CYS A 49 21.61 -19.37 14.74
CA CYS A 49 21.63 -18.67 13.47
C CYS A 49 21.20 -19.54 12.30
N ARG A 50 20.71 -18.90 11.25
CA ARG A 50 20.26 -19.58 10.05
C ARG A 50 20.70 -18.81 8.81
N TYR A 51 21.13 -19.52 7.78
CA TYR A 51 21.60 -18.89 6.56
C TYR A 51 21.13 -19.56 5.27
N TRP A 52 20.95 -18.74 4.24
CA TRP A 52 20.55 -19.19 2.92
C TRP A 52 21.44 -18.42 1.93
N LYS A 53 22.57 -19.01 1.57
CA LYS A 53 23.53 -18.37 0.68
C LYS A 53 23.36 -18.77 -0.78
N PRO A 54 23.11 -17.78 -1.66
CA PRO A 54 22.97 -18.11 -3.08
C PRO A 54 24.22 -18.81 -3.60
N THR A 55 24.08 -19.52 -4.73
CA THR A 55 25.21 -20.25 -5.30
C THR A 55 26.39 -19.37 -5.72
N GLY A 56 26.11 -18.15 -6.16
CA GLY A 56 27.14 -17.22 -6.58
C GLY A 56 27.14 -15.93 -5.79
N THR A 57 27.98 -14.98 -6.20
CA THR A 57 28.07 -13.69 -5.53
C THR A 57 26.68 -13.08 -5.33
N PRO A 58 26.30 -12.84 -4.06
CA PRO A 58 25.00 -12.25 -3.74
C PRO A 58 24.92 -10.78 -4.11
N LYS A 59 23.76 -10.34 -4.59
CA LYS A 59 23.59 -8.94 -4.96
C LYS A 59 23.25 -8.07 -3.76
N ALA A 60 22.72 -8.70 -2.71
CA ALA A 60 22.35 -7.97 -1.49
C ALA A 60 22.16 -8.91 -0.30
N LEU A 61 22.03 -8.32 0.89
CA LEU A 61 21.82 -9.09 2.11
C LEU A 61 20.43 -8.79 2.66
N ILE A 62 19.83 -9.78 3.30
CA ILE A 62 18.52 -9.60 3.90
C ILE A 62 18.35 -10.39 5.19
N PHE A 63 18.09 -9.68 6.29
CA PHE A 63 17.88 -10.30 7.58
C PHE A 63 16.40 -10.53 7.83
N VAL A 64 16.05 -11.72 8.30
CA VAL A 64 14.66 -12.03 8.59
C VAL A 64 14.42 -11.98 10.09
N SER A 65 13.42 -11.18 10.48
CA SER A 65 13.06 -10.98 11.89
C SER A 65 11.71 -11.63 12.21
N HIS A 66 11.73 -12.75 12.93
CA HIS A 66 10.51 -13.45 13.27
C HIS A 66 9.71 -12.78 14.40
N GLY A 67 8.44 -13.16 14.53
CA GLY A 67 7.56 -12.63 15.55
C GLY A 67 7.66 -13.35 16.88
N ALA A 68 6.83 -12.95 17.84
CA ALA A 68 6.85 -13.55 19.16
C ALA A 68 6.43 -15.02 19.19
N GLY A 69 7.08 -15.80 20.06
CA GLY A 69 6.78 -17.21 20.21
C GLY A 69 7.36 -18.09 19.11
N GLU A 70 7.24 -17.63 17.86
CA GLU A 70 7.75 -18.38 16.72
C GLU A 70 9.28 -18.41 16.64
N HIS A 71 9.81 -18.74 15.46
CA HIS A 71 11.25 -18.84 15.28
C HIS A 71 11.67 -18.69 13.81
N SER A 72 12.98 -18.64 13.58
CA SER A 72 13.57 -18.46 12.25
C SER A 72 13.30 -19.56 11.22
N GLY A 73 13.07 -20.78 11.67
CA GLY A 73 12.82 -21.91 10.78
C GLY A 73 11.50 -21.80 10.04
N ARG A 74 10.60 -20.98 10.55
CA ARG A 74 9.30 -20.78 9.94
C ARG A 74 9.36 -20.00 8.63
N TYR A 75 10.54 -19.49 8.30
CA TYR A 75 10.71 -18.71 7.08
C TYR A 75 11.51 -19.43 6.02
N GLU A 76 11.49 -20.76 6.08
CA GLU A 76 12.24 -21.59 5.14
C GLU A 76 11.94 -21.30 3.68
N GLU A 77 10.68 -21.40 3.30
CA GLU A 77 10.27 -21.18 1.91
C GLU A 77 10.43 -19.74 1.44
N LEU A 78 10.04 -18.78 2.28
CA LEU A 78 10.18 -17.38 1.96
C LEU A 78 11.66 -17.09 1.67
N ALA A 79 12.52 -17.63 2.52
CA ALA A 79 13.97 -17.45 2.39
C ALA A 79 14.53 -18.10 1.13
N ARG A 80 13.96 -19.24 0.74
CA ARG A 80 14.41 -19.96 -0.44
C ARG A 80 14.04 -19.21 -1.71
N MET A 81 12.95 -18.45 -1.66
CA MET A 81 12.53 -17.65 -2.80
C MET A 81 13.49 -16.47 -2.94
N LEU A 82 13.79 -15.83 -1.80
CA LEU A 82 14.70 -14.70 -1.77
C LEU A 82 16.10 -15.14 -2.19
N MET A 83 16.48 -16.35 -1.77
CA MET A 83 17.78 -16.90 -2.13
C MET A 83 17.86 -17.11 -3.63
N GLY A 84 16.73 -17.46 -4.24
CA GLY A 84 16.64 -17.69 -5.67
C GLY A 84 16.76 -16.41 -6.48
N LEU A 85 16.74 -15.28 -5.77
CA LEU A 85 16.87 -13.98 -6.42
C LEU A 85 18.31 -13.51 -6.27
N ASP A 86 19.15 -14.38 -5.73
CA ASP A 86 20.57 -14.08 -5.53
C ASP A 86 20.87 -13.21 -4.32
N LEU A 87 19.99 -13.28 -3.33
CA LEU A 87 20.19 -12.53 -2.09
C LEU A 87 20.69 -13.45 -1.00
N LEU A 88 21.65 -12.99 -0.21
CA LEU A 88 22.13 -13.78 0.91
C LEU A 88 21.16 -13.56 2.06
N VAL A 89 20.35 -14.56 2.35
CA VAL A 89 19.38 -14.49 3.42
C VAL A 89 20.02 -14.98 4.71
N PHE A 90 19.74 -14.28 5.81
CA PHE A 90 20.26 -14.68 7.10
C PHE A 90 19.32 -14.32 8.22
N ALA A 91 19.50 -14.97 9.37
CA ALA A 91 18.62 -14.73 10.50
C ALA A 91 19.14 -15.42 11.75
N HIS A 92 18.38 -15.26 12.81
CA HIS A 92 18.69 -15.88 14.09
C HIS A 92 17.43 -15.82 14.92
N ASP A 93 17.30 -16.75 15.86
CA ASP A 93 16.13 -16.75 16.73
C ASP A 93 16.37 -15.72 17.81
N HIS A 94 15.39 -14.85 18.04
CA HIS A 94 15.55 -13.81 19.06
C HIS A 94 15.73 -14.51 20.40
N VAL A 95 16.35 -13.80 21.34
CA VAL A 95 16.58 -14.32 22.68
C VAL A 95 15.25 -14.83 23.24
N GLY A 96 15.30 -15.96 23.94
CA GLY A 96 14.11 -16.54 24.55
C GLY A 96 13.16 -17.12 23.52
N HIS A 97 13.70 -17.44 22.34
CA HIS A 97 12.91 -18.00 21.25
C HIS A 97 13.65 -19.13 20.55
N GLY A 98 12.88 -20.00 19.88
CA GLY A 98 13.42 -21.12 19.13
C GLY A 98 14.57 -21.87 19.78
N GLN A 99 15.67 -21.98 19.05
CA GLN A 99 16.84 -22.68 19.54
C GLN A 99 17.85 -21.79 20.23
N SER A 100 17.46 -20.54 20.47
CA SER A 100 18.34 -19.59 21.15
C SER A 100 18.19 -19.71 22.67
N GLU A 101 19.23 -19.31 23.40
CA GLU A 101 19.20 -19.36 24.86
C GLU A 101 18.24 -18.33 25.43
N GLY A 102 18.09 -18.33 26.75
CA GLY A 102 17.24 -17.38 27.44
C GLY A 102 15.87 -17.91 27.82
N GLU A 103 15.34 -17.40 28.93
CA GLU A 103 14.03 -17.80 29.41
C GLU A 103 12.98 -17.50 28.36
N ARG A 104 12.15 -18.50 28.07
CA ARG A 104 11.11 -18.37 27.05
C ARG A 104 10.31 -17.08 27.13
N MET A 105 10.25 -16.37 26.02
CA MET A 105 9.49 -15.12 25.90
C MET A 105 9.68 -14.08 27.00
N VAL A 106 10.94 -13.78 27.30
CA VAL A 106 11.28 -12.74 28.27
C VAL A 106 12.54 -12.02 27.80
N VAL A 107 12.61 -10.72 28.07
CA VAL A 107 13.76 -9.92 27.68
C VAL A 107 13.89 -8.73 28.63
N SER A 108 15.11 -8.46 29.08
CA SER A 108 15.34 -7.36 30.01
C SER A 108 14.71 -6.08 29.49
N ASP A 109 14.94 -5.79 28.21
CA ASP A 109 14.37 -4.62 27.57
C ASP A 109 14.24 -4.91 26.08
N PHE A 110 13.16 -4.45 25.47
CA PHE A 110 12.93 -4.71 24.05
C PHE A 110 14.12 -4.37 23.15
N HIS A 111 14.87 -3.35 23.51
CA HIS A 111 16.01 -2.92 22.70
C HIS A 111 17.05 -4.01 22.47
N VAL A 112 17.05 -5.01 23.35
CA VAL A 112 17.99 -6.12 23.23
C VAL A 112 17.80 -6.80 21.88
N PHE A 113 16.55 -6.93 21.46
CA PHE A 113 16.23 -7.56 20.19
C PHE A 113 16.87 -6.80 19.03
N VAL A 114 16.80 -5.46 19.12
CA VAL A 114 17.35 -4.58 18.09
C VAL A 114 18.87 -4.66 18.10
N ARG A 115 19.45 -4.56 19.29
CA ARG A 115 20.90 -4.62 19.46
C ARG A 115 21.48 -5.89 18.83
N ASP A 116 20.85 -7.02 19.11
CA ASP A 116 21.30 -8.31 18.57
C ASP A 116 21.19 -8.35 17.05
N VAL A 117 20.15 -7.74 16.51
CA VAL A 117 19.96 -7.71 15.06
C VAL A 117 21.12 -6.94 14.43
N LEU A 118 21.43 -5.79 15.00
CA LEU A 118 22.54 -4.96 14.52
C LEU A 118 23.89 -5.70 14.56
N GLN A 119 24.10 -6.47 15.62
CA GLN A 119 25.34 -7.25 15.74
C GLN A 119 25.45 -8.25 14.59
N HIS A 120 24.35 -8.97 14.33
CA HIS A 120 24.31 -9.96 13.27
C HIS A 120 24.46 -9.29 11.90
N VAL A 121 23.82 -8.13 11.74
CA VAL A 121 23.90 -7.38 10.50
C VAL A 121 25.32 -6.86 10.33
N ASP A 122 25.87 -6.30 11.41
CA ASP A 122 27.23 -5.77 11.40
C ASP A 122 28.25 -6.85 11.09
N SER A 123 27.98 -8.07 11.54
CA SER A 123 28.87 -9.20 11.31
C SER A 123 28.82 -9.60 9.84
N MET A 124 27.61 -9.74 9.31
CA MET A 124 27.40 -10.15 7.93
C MET A 124 27.91 -9.12 6.92
N GLN A 125 27.81 -7.84 7.26
CA GLN A 125 28.25 -6.77 6.38
C GLN A 125 29.76 -6.76 6.24
N LYS A 126 30.45 -7.19 7.29
CA LYS A 126 31.91 -7.24 7.29
C LYS A 126 32.42 -8.26 6.27
N ASP A 127 31.70 -9.38 6.15
CA ASP A 127 32.07 -10.43 5.22
C ASP A 127 31.62 -10.11 3.80
N TYR A 128 30.59 -9.27 3.69
CA TYR A 128 30.07 -8.88 2.39
C TYR A 128 29.94 -7.36 2.27
N PRO A 129 31.08 -6.66 2.26
CA PRO A 129 31.19 -5.20 2.18
C PRO A 129 30.57 -4.60 0.92
N GLY A 130 30.01 -3.40 1.06
CA GLY A 130 29.40 -2.69 -0.05
C GLY A 130 28.07 -3.22 -0.54
N LEU A 131 27.62 -4.32 0.04
CA LEU A 131 26.36 -4.93 -0.36
C LEU A 131 25.19 -4.25 0.34
N PRO A 132 24.07 -4.03 -0.37
CA PRO A 132 22.93 -3.40 0.30
C PRO A 132 22.33 -4.38 1.31
N VAL A 133 21.64 -3.84 2.31
CA VAL A 133 21.04 -4.67 3.35
C VAL A 133 19.55 -4.40 3.54
N PHE A 134 18.75 -5.43 3.38
CA PHE A 134 17.31 -5.33 3.55
C PHE A 134 16.90 -5.96 4.87
N LEU A 135 15.70 -5.66 5.33
CA LEU A 135 15.16 -6.23 6.56
C LEU A 135 13.78 -6.80 6.26
N LEU A 136 13.51 -7.99 6.78
CA LEU A 136 12.19 -8.59 6.63
C LEU A 136 11.69 -8.93 8.03
N GLY A 137 10.54 -8.39 8.39
CA GLY A 137 9.99 -8.63 9.71
C GLY A 137 8.49 -8.83 9.74
N HIS A 138 8.04 -9.71 10.64
CA HIS A 138 6.62 -10.00 10.79
C HIS A 138 6.24 -9.81 12.26
N SER A 139 5.10 -9.17 12.49
CA SER A 139 4.62 -8.93 13.85
C SER A 139 5.68 -8.23 14.69
N MET A 140 5.99 -8.80 15.85
CA MET A 140 7.01 -8.26 16.74
C MET A 140 8.29 -8.07 15.94
N GLY A 141 8.50 -8.94 14.94
CA GLY A 141 9.66 -8.87 14.08
C GLY A 141 9.67 -7.60 13.26
N GLY A 142 8.48 -7.12 12.91
CA GLY A 142 8.33 -5.88 12.16
C GLY A 142 8.72 -4.69 13.00
N ALA A 143 8.33 -4.71 14.28
CA ALA A 143 8.67 -3.63 15.20
C ALA A 143 10.18 -3.55 15.33
N ILE A 144 10.81 -4.71 15.50
CA ILE A 144 12.26 -4.78 15.62
C ILE A 144 12.92 -4.18 14.37
N ALA A 145 12.42 -4.57 13.20
CA ALA A 145 12.96 -4.07 11.94
C ALA A 145 12.87 -2.55 11.85
N ILE A 146 11.69 -2.02 12.16
CA ILE A 146 11.47 -0.57 12.15
C ILE A 146 12.44 0.15 13.08
N LEU A 147 12.60 -0.38 14.29
CA LEU A 147 13.47 0.21 15.30
C LEU A 147 14.94 0.06 14.93
N THR A 148 15.26 -0.96 14.15
CA THR A 148 16.62 -1.20 13.70
C THR A 148 17.03 -0.14 12.69
N ALA A 149 16.15 0.12 11.72
CA ALA A 149 16.41 1.12 10.70
C ALA A 149 16.34 2.53 11.29
N ALA A 150 15.46 2.72 12.27
CA ALA A 150 15.29 4.02 12.90
C ALA A 150 16.55 4.44 13.66
N GLU A 151 17.33 3.45 14.09
CA GLU A 151 18.56 3.71 14.81
C GLU A 151 19.71 3.91 13.83
N ARG A 152 19.50 3.48 12.58
CA ARG A 152 20.51 3.62 11.54
C ARG A 152 19.93 4.19 10.26
N PRO A 153 19.41 5.42 10.33
CA PRO A 153 18.81 6.11 9.17
C PRO A 153 19.72 6.12 7.94
N GLY A 154 19.16 5.72 6.80
CA GLY A 154 19.89 5.67 5.55
C GLY A 154 20.90 4.55 5.44
N HIS A 155 20.82 3.58 6.35
CA HIS A 155 21.75 2.46 6.35
C HIS A 155 21.20 1.22 5.63
N PHE A 156 19.90 1.02 5.74
CA PHE A 156 19.26 -0.12 5.09
C PHE A 156 18.69 0.27 3.74
N ALA A 157 18.71 -0.66 2.79
CA ALA A 157 18.19 -0.40 1.45
C ALA A 157 16.66 -0.45 1.42
N GLY A 158 16.08 -1.36 2.19
CA GLY A 158 14.65 -1.53 2.24
C GLY A 158 14.17 -2.38 3.39
N MET A 159 12.86 -2.40 3.57
CA MET A 159 12.22 -3.15 4.65
C MET A 159 10.95 -3.78 4.09
N VAL A 160 10.76 -5.07 4.39
CA VAL A 160 9.55 -5.77 4.00
C VAL A 160 8.83 -6.06 5.31
N LEU A 161 7.62 -5.51 5.47
CA LEU A 161 6.87 -5.69 6.71
C LEU A 161 5.60 -6.50 6.51
N ILE A 162 5.48 -7.59 7.26
CA ILE A 162 4.30 -8.46 7.19
C ILE A 162 3.52 -8.34 8.49
N SER A 163 2.37 -7.65 8.42
CA SER A 163 1.52 -7.42 9.59
C SER A 163 2.34 -7.09 10.81
N PRO A 164 3.19 -6.05 10.72
CA PRO A 164 4.11 -5.56 11.76
C PRO A 164 3.39 -5.05 13.00
N LEU A 165 4.08 -5.14 14.12
CA LEU A 165 3.55 -4.66 15.39
C LEU A 165 3.83 -3.15 15.46
N VAL A 166 2.77 -2.34 15.34
CA VAL A 166 2.92 -0.90 15.36
C VAL A 166 1.89 -0.21 16.26
N LEU A 167 0.79 -0.91 16.52
CA LEU A 167 -0.30 -0.36 17.33
C LEU A 167 -0.74 -1.35 18.40
N ALA A 168 -1.13 -0.82 19.55
CA ALA A 168 -1.58 -1.65 20.66
C ALA A 168 -2.99 -2.18 20.38
N ASN A 169 -3.20 -3.46 20.68
CA ASN A 169 -4.50 -4.09 20.47
C ASN A 169 -5.64 -3.29 21.11
N PRO A 170 -6.41 -2.59 20.27
CA PRO A 170 -7.55 -1.77 20.70
C PRO A 170 -8.52 -2.57 21.56
N GLU A 171 -8.36 -3.89 21.53
CA GLU A 171 -9.23 -4.77 22.29
C GLU A 171 -8.48 -5.45 23.44
N SER A 172 -7.33 -6.04 23.12
CA SER A 172 -6.53 -6.75 24.12
C SER A 172 -5.67 -5.83 24.98
N ALA A 173 -5.58 -4.56 24.59
CA ALA A 173 -4.78 -3.61 25.35
C ALA A 173 -5.29 -2.18 25.29
N THR A 174 -6.26 -1.87 26.14
CA THR A 174 -6.80 -0.52 26.21
C THR A 174 -6.02 0.21 27.30
N THR A 175 -6.18 1.52 27.38
CA THR A 175 -5.47 2.31 28.38
C THR A 175 -5.63 1.72 29.78
N PHE A 176 -6.74 1.02 29.99
CA PHE A 176 -7.03 0.40 31.27
C PHE A 176 -6.27 -0.90 31.46
N LYS A 177 -6.31 -1.75 30.44
CA LYS A 177 -5.61 -3.04 30.48
C LYS A 177 -4.10 -2.83 30.58
N VAL A 178 -3.63 -1.75 29.96
CA VAL A 178 -2.21 -1.42 29.98
C VAL A 178 -1.83 -1.03 31.40
N LEU A 179 -2.72 -0.26 32.04
CA LEU A 179 -2.52 0.17 33.41
C LEU A 179 -2.47 -1.04 34.32
N ALA A 180 -3.41 -1.96 34.11
CA ALA A 180 -3.47 -3.19 34.88
C ALA A 180 -2.23 -4.06 34.69
N ALA A 181 -1.78 -4.14 33.44
CA ALA A 181 -0.58 -4.91 33.11
C ALA A 181 0.63 -4.34 33.83
N LYS A 182 0.72 -3.01 33.86
CA LYS A 182 1.81 -2.31 34.52
C LYS A 182 1.76 -2.62 36.02
N VAL A 183 0.55 -2.72 36.55
CA VAL A 183 0.36 -3.04 37.96
C VAL A 183 0.86 -4.45 38.22
N LEU A 184 0.45 -5.37 37.36
CA LEU A 184 0.85 -6.77 37.47
C LEU A 184 2.37 -6.90 37.39
N ASN A 185 2.98 -6.02 36.60
CA ASN A 185 4.43 -6.04 36.43
C ASN A 185 5.17 -5.79 37.74
N LEU A 186 4.56 -5.01 38.62
CA LEU A 186 5.17 -4.70 39.91
C LEU A 186 4.90 -5.79 40.93
N VAL A 187 3.69 -6.34 40.90
CA VAL A 187 3.30 -7.39 41.84
C VAL A 187 3.60 -8.80 41.33
N LEU A 188 3.02 -9.15 40.19
CA LEU A 188 3.22 -10.47 39.60
C LEU A 188 3.90 -10.39 38.24
N PRO A 189 5.18 -9.98 38.22
CA PRO A 189 5.89 -9.87 36.94
C PRO A 189 6.03 -11.22 36.24
N ASN A 190 6.53 -12.21 36.97
CA ASN A 190 6.72 -13.55 36.41
C ASN A 190 5.40 -14.19 36.03
N LEU A 191 4.30 -13.51 36.38
CA LEU A 191 2.97 -14.02 36.08
C LEU A 191 2.77 -14.23 34.58
N SER A 192 2.48 -15.47 34.21
CA SER A 192 2.24 -15.81 32.81
C SER A 192 0.77 -15.60 32.48
N LEU A 193 0.49 -15.20 31.25
CA LEU A 193 -0.89 -14.96 30.82
C LEU A 193 -1.31 -15.96 29.76
N GLY A 194 -2.35 -15.60 29.01
CA GLY A 194 -2.87 -16.45 27.94
C GLY A 194 -4.15 -15.86 27.36
N PRO A 195 -4.78 -16.58 26.42
CA PRO A 195 -4.31 -17.89 25.95
C PRO A 195 -4.09 -17.87 24.44
N ILE A 196 -4.79 -16.95 23.76
CA ILE A 196 -4.71 -16.78 22.32
C ILE A 196 -5.07 -18.02 21.51
N ASP A 197 -6.11 -17.90 20.70
CA ASP A 197 -6.58 -18.98 19.84
C ASP A 197 -5.74 -18.98 18.56
N SER A 198 -5.06 -20.08 18.30
CA SER A 198 -4.21 -20.19 17.12
C SER A 198 -4.99 -20.07 15.80
N SER A 199 -6.32 -20.08 15.89
CA SER A 199 -7.15 -19.97 14.71
C SER A 199 -7.20 -18.56 14.14
N VAL A 200 -6.70 -17.60 14.90
CA VAL A 200 -6.69 -16.20 14.47
C VAL A 200 -5.43 -15.88 13.69
N LEU A 201 -4.52 -16.85 13.59
CA LEU A 201 -3.27 -16.68 12.88
C LEU A 201 -3.43 -16.73 11.36
N SER A 202 -4.08 -17.78 10.87
CA SER A 202 -4.27 -17.94 9.44
C SER A 202 -5.60 -18.64 9.16
N ARG A 203 -6.12 -18.46 7.96
CA ARG A 203 -7.37 -19.08 7.56
C ARG A 203 -7.07 -20.46 6.97
N ASN A 204 -5.79 -20.74 6.77
CA ASN A 204 -5.35 -22.02 6.24
C ASN A 204 -5.18 -23.03 7.38
N LYS A 205 -6.12 -23.97 7.47
CA LYS A 205 -6.13 -24.97 8.53
C LYS A 205 -4.85 -25.82 8.62
N THR A 206 -4.26 -26.12 7.47
CA THR A 206 -3.03 -26.90 7.44
C THR A 206 -1.95 -26.20 8.25
N GLU A 207 -1.75 -24.92 7.98
CA GLU A 207 -0.75 -24.12 8.65
C GLU A 207 -1.05 -23.96 10.14
N VAL A 208 -2.33 -23.93 10.49
CA VAL A 208 -2.71 -23.83 11.89
C VAL A 208 -2.26 -25.09 12.62
N ASP A 209 -2.49 -26.25 12.00
CA ASP A 209 -2.06 -27.51 12.57
C ASP A 209 -0.54 -27.51 12.63
N ILE A 210 0.08 -27.17 11.49
CA ILE A 210 1.53 -27.09 11.39
C ILE A 210 2.06 -26.23 12.53
N TYR A 211 1.37 -25.11 12.78
CA TYR A 211 1.75 -24.18 13.82
C TYR A 211 1.70 -24.80 15.21
N ASN A 212 0.66 -25.60 15.47
CA ASN A 212 0.50 -26.25 16.76
C ASN A 212 1.43 -27.44 16.93
N SER A 213 1.97 -27.94 15.83
CA SER A 213 2.86 -29.10 15.86
C SER A 213 4.33 -28.73 16.04
N ASP A 214 4.67 -27.48 15.75
CA ASP A 214 6.05 -27.03 15.88
C ASP A 214 6.50 -26.97 17.34
N PRO A 215 7.50 -27.80 17.70
CA PRO A 215 8.03 -27.85 19.06
C PRO A 215 9.00 -26.72 19.36
N LEU A 216 9.35 -25.95 18.33
CA LEU A 216 10.25 -24.82 18.48
C LEU A 216 9.45 -23.55 18.75
N ILE A 217 8.16 -23.59 18.42
CA ILE A 217 7.28 -22.47 18.66
C ILE A 217 6.87 -22.43 20.13
N CYS A 218 6.50 -21.24 20.61
CA CYS A 218 6.08 -21.09 21.99
C CYS A 218 4.60 -20.71 22.06
N ARG A 219 3.81 -21.56 22.72
CA ARG A 219 2.39 -21.31 22.87
C ARG A 219 2.01 -21.42 24.34
N ALA A 220 2.73 -20.69 25.19
CA ALA A 220 2.49 -20.72 26.63
C ALA A 220 1.92 -19.42 27.18
N GLY A 221 1.26 -18.64 26.33
CA GLY A 221 0.65 -17.39 26.76
C GLY A 221 1.65 -16.32 27.15
N LEU A 222 1.37 -15.10 26.71
CA LEU A 222 2.23 -13.93 26.98
C LEU A 222 2.44 -13.64 28.47
N LYS A 223 3.71 -13.59 28.89
CA LYS A 223 4.06 -13.28 30.27
C LYS A 223 3.84 -11.79 30.55
N VAL A 224 3.63 -11.44 31.81
CA VAL A 224 3.39 -10.05 32.18
C VAL A 224 4.55 -9.12 31.83
N CYS A 225 5.73 -9.45 32.33
CA CYS A 225 6.91 -8.63 32.09
C CYS A 225 7.22 -8.48 30.60
N PHE A 226 6.86 -9.48 29.82
CA PHE A 226 7.10 -9.46 28.37
C PHE A 226 6.09 -8.63 27.62
N GLY A 227 4.83 -8.65 28.07
CA GLY A 227 3.78 -7.86 27.46
C GLY A 227 4.11 -6.39 27.61
N ILE A 228 4.76 -6.05 28.72
CA ILE A 228 5.20 -4.69 28.99
C ILE A 228 6.19 -4.27 27.90
N GLN A 229 7.19 -5.12 27.69
CA GLN A 229 8.21 -4.87 26.67
C GLN A 229 7.53 -4.68 25.31
N LEU A 230 6.56 -5.54 25.02
CA LEU A 230 5.82 -5.44 23.76
C LEU A 230 5.19 -4.07 23.64
N LEU A 231 4.69 -3.55 24.77
CA LEU A 231 4.07 -2.24 24.79
C LEU A 231 5.14 -1.16 24.62
N ASN A 232 6.30 -1.38 25.22
CA ASN A 232 7.43 -0.45 25.08
C ASN A 232 7.72 -0.34 23.59
N ALA A 233 7.74 -1.50 22.93
CA ALA A 233 8.00 -1.58 21.50
C ALA A 233 7.10 -0.67 20.67
N VAL A 234 5.80 -0.74 20.94
CA VAL A 234 4.82 0.06 20.23
C VAL A 234 5.04 1.55 20.46
N SER A 235 5.32 1.91 21.71
CA SER A 235 5.58 3.31 22.05
C SER A 235 6.79 3.79 21.27
N ARG A 236 7.87 3.01 21.32
CA ARG A 236 9.11 3.33 20.62
C ARG A 236 8.90 3.45 19.11
N VAL A 237 8.10 2.55 18.54
CA VAL A 237 7.83 2.59 17.11
C VAL A 237 7.13 3.89 16.71
N GLU A 238 6.13 4.29 17.50
CA GLU A 238 5.39 5.52 17.22
C GLU A 238 6.28 6.75 17.21
N ARG A 239 7.22 6.81 18.15
CA ARG A 239 8.15 7.93 18.24
C ARG A 239 9.13 7.91 17.07
N ALA A 240 9.50 6.70 16.66
CA ALA A 240 10.45 6.51 15.57
C ALA A 240 9.93 6.86 14.18
N LEU A 241 8.64 6.64 13.95
CA LEU A 241 8.01 6.88 12.65
C LEU A 241 8.28 8.25 12.02
N PRO A 242 8.29 9.31 12.84
CA PRO A 242 8.52 10.63 12.22
C PRO A 242 9.94 10.78 11.65
N LYS A 243 10.79 9.79 11.89
CA LYS A 243 12.16 9.83 11.41
C LYS A 243 12.50 8.60 10.56
N LEU A 244 11.50 7.78 10.26
CA LEU A 244 11.70 6.59 9.45
C LEU A 244 11.69 6.98 7.98
N THR A 245 12.82 6.78 7.30
CA THR A 245 12.96 7.15 5.90
C THR A 245 13.25 5.96 4.98
N VAL A 246 13.52 4.82 5.58
CA VAL A 246 13.83 3.61 4.83
C VAL A 246 12.66 3.22 3.94
N PRO A 247 12.96 2.73 2.72
CA PRO A 247 11.87 2.29 1.85
C PRO A 247 11.22 1.05 2.42
N PHE A 248 9.92 0.89 2.20
CA PHE A 248 9.26 -0.30 2.70
C PHE A 248 8.05 -0.80 1.94
N LEU A 249 7.81 -2.10 2.07
CA LEU A 249 6.65 -2.75 1.50
C LEU A 249 5.84 -3.22 2.70
N LEU A 250 4.58 -2.79 2.78
CA LEU A 250 3.73 -3.13 3.91
C LEU A 250 2.64 -4.10 3.50
N LEU A 251 2.67 -5.30 4.07
CA LEU A 251 1.67 -6.32 3.77
C LEU A 251 0.77 -6.53 4.99
N GLN A 252 -0.53 -6.33 4.80
CA GLN A 252 -1.48 -6.45 5.91
C GLN A 252 -2.82 -7.05 5.52
N GLY A 253 -3.38 -7.85 6.44
CA GLY A 253 -4.66 -8.49 6.25
C GLY A 253 -5.75 -7.71 6.96
N SER A 254 -6.93 -7.61 6.34
CA SER A 254 -8.04 -6.86 6.91
C SER A 254 -8.59 -7.46 8.20
N ALA A 255 -8.58 -8.79 8.29
CA ALA A 255 -9.11 -9.48 9.46
C ALA A 255 -8.05 -9.90 10.48
N ASP A 256 -6.98 -9.11 10.57
CA ASP A 256 -5.92 -9.40 11.53
C ASP A 256 -6.36 -8.98 12.93
N ARG A 257 -6.56 -9.96 13.80
CA ARG A 257 -7.02 -9.69 15.16
C ARG A 257 -5.86 -9.52 16.14
N LEU A 258 -4.64 -9.69 15.66
CA LEU A 258 -3.46 -9.53 16.50
C LEU A 258 -2.83 -8.17 16.24
N CYS A 259 -2.72 -7.84 14.96
CA CYS A 259 -2.16 -6.57 14.53
C CYS A 259 -3.20 -5.88 13.66
N ASP A 260 -4.01 -5.04 14.29
CA ASP A 260 -5.09 -4.33 13.61
C ASP A 260 -4.60 -3.54 12.40
N SER A 261 -5.33 -3.64 11.31
CA SER A 261 -4.99 -2.94 10.07
C SER A 261 -4.92 -1.44 10.26
N LYS A 262 -5.48 -0.95 11.37
CA LYS A 262 -5.46 0.48 11.66
C LYS A 262 -4.02 0.96 11.72
N GLY A 263 -3.16 0.13 12.32
CA GLY A 263 -1.74 0.43 12.45
C GLY A 263 -1.05 0.50 11.10
N ALA A 264 -1.49 -0.32 10.17
CA ALA A 264 -0.91 -0.35 8.83
C ALA A 264 -1.13 0.99 8.13
N TYR A 265 -2.37 1.47 8.15
CA TYR A 265 -2.72 2.75 7.54
C TYR A 265 -1.98 3.88 8.23
N LEU A 266 -1.86 3.77 9.55
CA LEU A 266 -1.18 4.77 10.36
C LEU A 266 0.31 4.77 10.04
N LEU A 267 0.83 3.58 9.74
CA LEU A 267 2.24 3.42 9.39
C LEU A 267 2.51 4.09 8.04
N MET A 268 1.57 3.92 7.11
CA MET A 268 1.68 4.51 5.79
C MET A 268 1.64 6.03 5.88
N GLU A 269 0.84 6.54 6.82
CA GLU A 269 0.67 7.97 6.99
C GLU A 269 1.75 8.64 7.84
N LEU A 270 2.09 8.02 8.97
CA LEU A 270 3.06 8.59 9.89
C LEU A 270 4.54 8.44 9.55
N ALA A 271 4.88 7.44 8.73
CA ALA A 271 6.26 7.23 8.33
C ALA A 271 6.66 8.27 7.28
N LYS A 272 7.88 8.79 7.39
CA LYS A 272 8.37 9.81 6.46
C LYS A 272 8.96 9.27 5.16
N SER A 273 9.15 7.96 5.09
CA SER A 273 9.72 7.31 3.91
C SER A 273 9.13 7.81 2.59
N GLN A 274 9.99 7.98 1.60
CA GLN A 274 9.57 8.45 0.28
C GLN A 274 9.13 7.27 -0.57
N ASP A 275 9.59 6.08 -0.19
CA ASP A 275 9.28 4.85 -0.90
C ASP A 275 8.49 3.93 0.04
N LYS A 276 7.17 4.07 0.02
CA LYS A 276 6.31 3.26 0.88
C LYS A 276 5.08 2.71 0.15
N THR A 277 4.90 1.40 0.22
CA THR A 277 3.79 0.74 -0.45
C THR A 277 2.97 -0.08 0.50
N LEU A 278 1.66 -0.10 0.27
CA LEU A 278 0.75 -0.86 1.10
C LEU A 278 -0.16 -1.76 0.27
N LYS A 279 -0.21 -3.03 0.64
CA LYS A 279 -1.07 -4.00 -0.04
C LYS A 279 -1.97 -4.64 1.01
N ILE A 280 -3.28 -4.50 0.84
CA ILE A 280 -4.24 -5.06 1.78
C ILE A 280 -4.84 -6.36 1.25
N TYR A 281 -4.86 -7.38 2.09
CA TYR A 281 -5.44 -8.67 1.70
C TYR A 281 -6.80 -8.81 2.38
N GLU A 282 -7.85 -8.60 1.60
CA GLU A 282 -9.22 -8.62 2.11
C GLU A 282 -9.65 -9.94 2.76
N GLY A 283 -9.92 -9.89 4.06
CA GLY A 283 -10.38 -11.04 4.82
C GLY A 283 -9.27 -11.89 5.42
N ALA A 284 -8.05 -11.69 4.92
CA ALA A 284 -6.90 -12.47 5.39
C ALA A 284 -6.60 -12.24 6.87
N TYR A 285 -5.89 -13.18 7.48
CA TYR A 285 -5.55 -13.10 8.89
C TYR A 285 -4.17 -12.52 9.17
N HIS A 286 -3.56 -12.98 10.26
CA HIS A 286 -2.26 -12.49 10.72
C HIS A 286 -1.06 -12.96 9.90
N VAL A 287 -0.81 -14.27 9.89
CA VAL A 287 0.33 -14.84 9.19
C VAL A 287 0.16 -14.89 7.67
N LEU A 288 0.23 -13.72 7.04
CA LEU A 288 0.08 -13.59 5.59
C LEU A 288 0.91 -14.56 4.76
N HIS A 289 2.15 -14.81 5.18
CA HIS A 289 3.03 -15.72 4.43
C HIS A 289 2.66 -17.18 4.65
N LYS A 290 1.70 -17.42 5.55
CA LYS A 290 1.25 -18.78 5.84
C LYS A 290 -0.28 -18.82 5.85
N GLU A 291 -0.89 -18.06 4.93
CA GLU A 291 -2.33 -17.98 4.82
C GLU A 291 -2.86 -18.84 3.67
N LEU A 292 -4.03 -18.50 3.17
CA LEU A 292 -4.62 -19.21 2.05
C LEU A 292 -3.68 -19.10 0.85
N PRO A 293 -3.55 -20.18 0.07
CA PRO A 293 -2.67 -20.25 -1.10
C PRO A 293 -2.72 -18.99 -1.97
N GLU A 294 -3.92 -18.47 -2.21
CA GLU A 294 -4.09 -17.28 -3.03
C GLU A 294 -3.41 -16.05 -2.43
N VAL A 295 -3.37 -15.97 -1.11
CA VAL A 295 -2.74 -14.85 -0.43
C VAL A 295 -1.24 -15.06 -0.37
N THR A 296 -0.83 -16.24 0.10
CA THR A 296 0.58 -16.59 0.21
C THR A 296 1.29 -16.45 -1.12
N ASN A 297 0.61 -16.87 -2.19
CA ASN A 297 1.18 -16.78 -3.53
C ASN A 297 1.44 -15.33 -3.92
N SER A 298 0.47 -14.47 -3.65
CA SER A 298 0.60 -13.05 -3.96
C SER A 298 1.69 -12.42 -3.08
N VAL A 299 1.68 -12.77 -1.80
CA VAL A 299 2.68 -12.27 -0.87
C VAL A 299 4.08 -12.57 -1.40
N PHE A 300 4.37 -13.85 -1.61
CA PHE A 300 5.66 -14.27 -2.13
C PHE A 300 6.00 -13.51 -3.41
N HIS A 301 5.02 -13.40 -4.29
CA HIS A 301 5.23 -12.70 -5.56
C HIS A 301 5.55 -11.23 -5.35
N GLU A 302 4.71 -10.55 -4.58
CA GLU A 302 4.91 -9.12 -4.31
C GLU A 302 6.27 -8.85 -3.67
N ILE A 303 6.66 -9.68 -2.72
CA ILE A 303 7.95 -9.52 -2.06
C ILE A 303 9.06 -9.66 -3.10
N ASN A 304 8.86 -10.62 -4.01
CA ASN A 304 9.81 -10.87 -5.09
C ASN A 304 9.98 -9.65 -5.98
N MET A 305 8.88 -9.14 -6.50
CA MET A 305 8.92 -7.96 -7.37
C MET A 305 9.53 -6.75 -6.65
N TRP A 306 9.04 -6.49 -5.45
CA TRP A 306 9.51 -5.36 -4.66
C TRP A 306 11.02 -5.36 -4.41
N VAL A 307 11.53 -6.48 -3.91
CA VAL A 307 12.96 -6.60 -3.61
C VAL A 307 13.80 -6.58 -4.90
N SER A 308 13.30 -7.26 -5.93
CA SER A 308 14.00 -7.32 -7.20
C SER A 308 14.30 -5.93 -7.78
N GLN A 309 13.29 -5.07 -7.79
CA GLN A 309 13.44 -3.72 -8.31
C GLN A 309 14.45 -2.89 -7.53
N ARG A 310 14.56 -3.16 -6.24
CA ARG A 310 15.48 -2.42 -5.38
C ARG A 310 16.88 -3.01 -5.33
N THR A 311 17.08 -4.09 -6.08
CA THR A 311 18.39 -4.73 -6.14
C THR A 311 18.89 -4.74 -7.59
N ALA A 312 20.20 -4.92 -7.76
CA ALA A 312 20.79 -4.94 -9.09
C ALA A 312 22.02 -5.85 -9.15
N ASP B 35 -11.87 18.50 -38.59
CA ASP B 35 -12.18 17.07 -38.67
C ASP B 35 -11.27 16.26 -37.76
N LEU B 36 -11.69 16.09 -36.52
CA LEU B 36 -10.90 15.37 -35.53
C LEU B 36 -11.54 14.04 -35.16
N PRO B 37 -10.76 13.13 -34.58
CA PRO B 37 -11.31 11.85 -34.13
C PRO B 37 -12.38 12.17 -33.09
N HIS B 38 -13.52 11.53 -33.19
CA HIS B 38 -14.62 11.84 -32.29
C HIS B 38 -15.63 10.71 -32.22
N LEU B 39 -16.63 10.91 -31.38
CA LEU B 39 -17.75 10.00 -31.24
C LEU B 39 -18.96 10.87 -30.91
N VAL B 40 -20.16 10.30 -31.02
CA VAL B 40 -21.37 11.04 -30.69
C VAL B 40 -22.08 10.33 -29.54
N ASN B 41 -22.22 11.02 -28.42
CA ASN B 41 -22.85 10.44 -27.23
C ASN B 41 -24.37 10.38 -27.32
N ALA B 42 -24.97 9.71 -26.33
CA ALA B 42 -26.43 9.52 -26.28
C ALA B 42 -27.23 10.82 -26.41
N ASP B 43 -26.63 11.92 -25.97
CA ASP B 43 -27.30 13.22 -26.03
C ASP B 43 -27.07 13.90 -27.38
N GLY B 44 -26.31 13.23 -28.25
CA GLY B 44 -26.01 13.75 -29.58
C GLY B 44 -24.88 14.77 -29.57
N GLN B 45 -24.10 14.79 -28.50
CA GLN B 45 -22.97 15.72 -28.42
C GLN B 45 -21.70 15.06 -28.94
N TYR B 46 -20.81 15.87 -29.50
CA TYR B 46 -19.56 15.36 -30.03
C TYR B 46 -18.49 15.33 -28.94
N LEU B 47 -17.79 14.21 -28.85
CA LEU B 47 -16.70 14.06 -27.90
C LEU B 47 -15.40 13.86 -28.67
N PHE B 48 -14.43 14.72 -28.43
CA PHE B 48 -13.13 14.60 -29.07
C PHE B 48 -12.43 13.35 -28.53
N CYS B 49 -12.01 12.46 -29.41
CA CYS B 49 -11.35 11.23 -29.02
C CYS B 49 -9.85 11.26 -29.28
N ARG B 50 -9.11 10.48 -28.50
CA ARG B 50 -7.67 10.39 -28.64
C ARG B 50 -7.21 8.94 -28.55
N TYR B 51 -6.36 8.53 -29.48
CA TYR B 51 -5.87 7.16 -29.51
C TYR B 51 -4.36 7.06 -29.58
N TRP B 52 -3.83 6.03 -28.93
CA TRP B 52 -2.40 5.74 -28.95
C TRP B 52 -2.29 4.25 -29.25
N LYS B 53 -2.25 3.92 -30.54
CA LYS B 53 -2.18 2.52 -30.97
C LYS B 53 -0.75 2.01 -31.04
N PRO B 54 -0.53 0.80 -30.51
CA PRO B 54 0.82 0.21 -30.57
C PRO B 54 1.11 -0.24 -32.00
N THR B 55 2.40 -0.37 -32.33
CA THR B 55 2.81 -0.78 -33.67
C THR B 55 2.06 -2.02 -34.17
N GLY B 56 1.95 -3.04 -33.33
CA GLY B 56 1.26 -4.27 -33.70
C GLY B 56 0.59 -4.96 -32.54
N THR B 57 -0.56 -5.58 -32.83
CA THR B 57 -1.36 -6.34 -31.86
C THR B 57 -1.16 -6.01 -30.39
N PRO B 58 -2.05 -5.17 -29.83
CA PRO B 58 -1.93 -4.82 -28.41
C PRO B 58 -2.33 -5.98 -27.52
N LYS B 59 -1.82 -5.99 -26.30
CA LYS B 59 -2.16 -7.06 -25.35
C LYS B 59 -3.32 -6.66 -24.46
N ALA B 60 -3.69 -5.38 -24.49
CA ALA B 60 -4.78 -4.89 -23.68
C ALA B 60 -5.26 -3.51 -24.07
N LEU B 61 -6.43 -3.14 -23.56
CA LEU B 61 -7.01 -1.82 -23.80
C LEU B 61 -7.07 -1.08 -22.47
N ILE B 62 -6.77 0.20 -22.52
CA ILE B 62 -6.82 1.03 -21.32
C ILE B 62 -7.39 2.39 -21.65
N PHE B 63 -8.52 2.72 -21.03
CA PHE B 63 -9.17 4.00 -21.25
C PHE B 63 -8.67 5.01 -20.22
N VAL B 64 -8.36 6.21 -20.68
CA VAL B 64 -7.89 7.25 -19.78
C VAL B 64 -9.02 8.22 -19.47
N SER B 65 -9.27 8.43 -18.18
CA SER B 65 -10.34 9.31 -17.71
C SER B 65 -9.73 10.52 -17.02
N HIS B 66 -9.77 11.67 -17.68
CA HIS B 66 -9.18 12.89 -17.12
C HIS B 66 -10.02 13.51 -16.00
N GLY B 67 -9.42 14.45 -15.27
CA GLY B 67 -10.08 15.11 -14.17
C GLY B 67 -10.81 16.39 -14.57
N ALA B 68 -11.40 17.05 -13.58
CA ALA B 68 -12.16 18.27 -13.81
C ALA B 68 -11.31 19.41 -14.39
N GLY B 69 -11.88 20.14 -15.34
CA GLY B 69 -11.22 21.28 -15.97
C GLY B 69 -10.09 20.95 -16.91
N GLU B 70 -9.56 19.73 -16.83
CA GLU B 70 -8.46 19.33 -17.73
C GLU B 70 -8.99 18.58 -18.95
N HIS B 71 -8.09 17.93 -19.67
CA HIS B 71 -8.48 17.20 -20.88
C HIS B 71 -7.52 16.05 -21.17
N SER B 72 -7.92 15.20 -22.11
CA SER B 72 -7.14 14.02 -22.49
C SER B 72 -5.72 14.31 -22.97
N GLY B 73 -5.51 15.48 -23.58
CA GLY B 73 -4.21 15.84 -24.12
C GLY B 73 -3.11 15.96 -23.09
N ARG B 74 -3.49 16.03 -21.82
CA ARG B 74 -2.49 16.16 -20.75
C ARG B 74 -1.94 14.81 -20.30
N TYR B 75 -2.35 13.75 -20.98
CA TYR B 75 -1.88 12.40 -20.66
C TYR B 75 -1.02 11.85 -21.79
N GLU B 76 -0.54 12.75 -22.64
CA GLU B 76 0.30 12.38 -23.76
C GLU B 76 1.45 11.47 -23.35
N GLU B 77 2.26 11.93 -22.39
CA GLU B 77 3.41 11.16 -21.92
C GLU B 77 3.03 9.83 -21.30
N LEU B 78 2.06 9.86 -20.38
CA LEU B 78 1.61 8.65 -19.72
C LEU B 78 1.16 7.63 -20.76
N ALA B 79 0.36 8.08 -21.72
CA ALA B 79 -0.16 7.24 -22.79
C ALA B 79 0.95 6.65 -23.66
N ARG B 80 1.92 7.48 -24.01
CA ARG B 80 3.05 7.05 -24.83
C ARG B 80 3.75 5.85 -24.20
N MET B 81 4.02 5.96 -22.91
CA MET B 81 4.67 4.88 -22.18
C MET B 81 3.83 3.62 -22.22
N LEU B 82 2.54 3.76 -21.94
CA LEU B 82 1.62 2.62 -21.95
C LEU B 82 1.58 1.96 -23.32
N MET B 83 1.61 2.77 -24.37
CA MET B 83 1.58 2.26 -25.74
C MET B 83 2.89 1.52 -26.05
N GLY B 84 3.97 1.93 -25.40
CA GLY B 84 5.27 1.30 -25.56
C GLY B 84 5.31 -0.05 -24.87
N LEU B 85 4.22 -0.37 -24.18
CA LEU B 85 4.09 -1.63 -23.47
C LEU B 85 3.14 -2.51 -24.27
N ASP B 86 2.82 -2.05 -25.48
CA ASP B 86 1.92 -2.77 -26.39
C ASP B 86 0.46 -2.80 -25.94
N LEU B 87 0.01 -1.71 -25.35
CA LEU B 87 -1.36 -1.58 -24.91
C LEU B 87 -2.01 -0.51 -25.78
N LEU B 88 -3.25 -0.76 -26.21
CA LEU B 88 -3.95 0.25 -27.00
C LEU B 88 -4.56 1.27 -26.05
N VAL B 89 -4.02 2.48 -26.06
CA VAL B 89 -4.47 3.55 -25.19
C VAL B 89 -5.52 4.41 -25.88
N PHE B 90 -6.64 4.63 -25.19
CA PHE B 90 -7.70 5.46 -25.75
C PHE B 90 -8.36 6.37 -24.73
N ALA B 91 -8.83 7.52 -25.21
CA ALA B 91 -9.47 8.51 -24.34
C ALA B 91 -10.38 9.42 -25.14
N HIS B 92 -11.10 10.26 -24.41
CA HIS B 92 -11.98 11.26 -24.99
C HIS B 92 -12.23 12.31 -23.93
N ASP B 93 -12.37 13.55 -24.36
CA ASP B 93 -12.63 14.65 -23.44
C ASP B 93 -14.07 14.58 -22.95
N HIS B 94 -14.24 14.49 -21.64
CA HIS B 94 -15.58 14.44 -21.06
C HIS B 94 -16.38 15.63 -21.59
N VAL B 95 -17.71 15.52 -21.56
CA VAL B 95 -18.57 16.61 -22.01
C VAL B 95 -18.19 17.89 -21.28
N GLY B 96 -18.30 19.02 -21.97
CA GLY B 96 -17.96 20.31 -21.40
C GLY B 96 -16.48 20.46 -21.09
N HIS B 97 -15.66 19.59 -21.68
CA HIS B 97 -14.22 19.61 -21.45
C HIS B 97 -13.40 19.55 -22.75
N GLY B 98 -12.21 20.13 -22.70
CA GLY B 98 -11.29 20.14 -23.83
C GLY B 98 -11.92 20.44 -25.17
N GLN B 99 -11.76 19.50 -26.11
CA GLN B 99 -12.28 19.67 -27.47
C GLN B 99 -13.64 19.02 -27.68
N SER B 100 -14.29 18.62 -26.58
CA SER B 100 -15.62 18.02 -26.66
C SER B 100 -16.68 19.11 -26.56
N GLU B 101 -17.89 18.81 -27.04
CA GLU B 101 -18.97 19.78 -26.99
C GLU B 101 -19.47 19.98 -25.57
N GLY B 102 -20.46 20.85 -25.40
CA GLY B 102 -21.07 21.11 -24.11
C GLY B 102 -20.60 22.38 -23.42
N GLU B 103 -21.50 22.94 -22.60
CA GLU B 103 -21.18 24.14 -21.82
C GLU B 103 -20.03 23.79 -20.89
N ARG B 104 -19.08 24.72 -20.74
CA ARG B 104 -17.90 24.49 -19.90
C ARG B 104 -18.21 24.00 -18.49
N MET B 105 -17.57 22.91 -18.11
CA MET B 105 -17.70 22.31 -16.79
C MET B 105 -19.12 22.25 -16.23
N VAL B 106 -20.03 21.71 -17.01
CA VAL B 106 -21.41 21.52 -16.59
C VAL B 106 -21.88 20.18 -17.13
N VAL B 107 -22.87 19.58 -16.45
CA VAL B 107 -23.41 18.30 -16.87
C VAL B 107 -24.79 18.15 -16.23
N SER B 108 -25.75 17.61 -16.99
CA SER B 108 -27.10 17.41 -16.47
C SER B 108 -27.07 16.49 -15.26
N ASP B 109 -26.27 15.43 -15.35
CA ASP B 109 -26.08 14.50 -14.25
C ASP B 109 -24.72 13.84 -14.39
N PHE B 110 -24.03 13.63 -13.27
CA PHE B 110 -22.71 13.04 -13.27
C PHE B 110 -22.61 11.73 -14.05
N HIS B 111 -23.65 10.91 -13.97
CA HIS B 111 -23.65 9.62 -14.65
C HIS B 111 -23.38 9.72 -16.15
N VAL B 112 -23.69 10.87 -16.74
CA VAL B 112 -23.46 11.07 -18.16
C VAL B 112 -22.01 10.74 -18.51
N PHE B 113 -21.10 11.11 -17.61
CA PHE B 113 -19.68 10.86 -17.78
C PHE B 113 -19.41 9.35 -17.84
N VAL B 114 -20.06 8.61 -16.95
CA VAL B 114 -19.91 7.16 -16.89
C VAL B 114 -20.45 6.53 -18.17
N ARG B 115 -21.64 7.00 -18.56
CA ARG B 115 -22.31 6.51 -19.75
C ARG B 115 -21.44 6.68 -21.00
N ASP B 116 -20.81 7.84 -21.12
CA ASP B 116 -19.98 8.14 -22.28
C ASP B 116 -18.73 7.28 -22.30
N VAL B 117 -18.23 6.97 -21.11
CA VAL B 117 -17.06 6.12 -20.97
C VAL B 117 -17.43 4.76 -21.54
N LEU B 118 -18.50 4.18 -21.00
CA LEU B 118 -18.98 2.86 -21.41
C LEU B 118 -19.29 2.77 -22.90
N GLN B 119 -19.68 3.88 -23.52
CA GLN B 119 -19.98 3.87 -24.95
C GLN B 119 -18.69 3.76 -25.75
N HIS B 120 -17.63 4.35 -25.23
CA HIS B 120 -16.33 4.31 -25.88
C HIS B 120 -15.73 2.92 -25.68
N VAL B 121 -15.78 2.45 -24.44
CA VAL B 121 -15.26 1.13 -24.11
C VAL B 121 -15.96 0.08 -24.96
N ASP B 122 -17.28 0.08 -24.91
CA ASP B 122 -18.08 -0.88 -25.67
C ASP B 122 -17.68 -0.88 -27.14
N SER B 123 -17.49 0.31 -27.69
CA SER B 123 -17.11 0.44 -29.09
C SER B 123 -15.75 -0.20 -29.37
N MET B 124 -14.75 0.20 -28.59
CA MET B 124 -13.38 -0.31 -28.77
C MET B 124 -13.31 -1.82 -28.59
N GLN B 125 -13.99 -2.34 -27.57
CA GLN B 125 -13.99 -3.76 -27.30
C GLN B 125 -14.50 -4.58 -28.48
N LYS B 126 -15.40 -3.99 -29.26
CA LYS B 126 -15.97 -4.65 -30.41
C LYS B 126 -14.98 -4.76 -31.57
N ASP B 127 -14.01 -3.84 -31.60
CA ASP B 127 -12.98 -3.83 -32.64
C ASP B 127 -11.77 -4.65 -32.19
N TYR B 128 -11.76 -5.03 -30.92
CA TYR B 128 -10.66 -5.80 -30.35
C TYR B 128 -11.22 -6.76 -29.30
N PRO B 129 -12.14 -7.65 -29.72
CA PRO B 129 -12.82 -8.63 -28.87
C PRO B 129 -11.87 -9.55 -28.11
N GLY B 130 -12.23 -9.88 -26.88
CA GLY B 130 -11.45 -10.75 -26.02
C GLY B 130 -10.30 -10.06 -25.31
N LEU B 131 -9.95 -8.87 -25.77
CA LEU B 131 -8.87 -8.10 -25.17
C LEU B 131 -9.26 -7.58 -23.78
N PRO B 132 -8.35 -7.69 -22.80
CA PRO B 132 -8.69 -7.18 -21.46
C PRO B 132 -8.70 -5.65 -21.45
N VAL B 133 -9.62 -5.08 -20.68
CA VAL B 133 -9.76 -3.63 -20.64
C VAL B 133 -9.44 -3.01 -19.28
N PHE B 134 -8.57 -1.99 -19.29
CA PHE B 134 -8.16 -1.28 -18.08
C PHE B 134 -8.72 0.13 -18.04
N LEU B 135 -8.75 0.72 -16.85
CA LEU B 135 -9.21 2.09 -16.67
C LEU B 135 -8.17 2.86 -15.88
N LEU B 136 -7.88 4.08 -16.32
CA LEU B 136 -6.94 4.96 -15.63
C LEU B 136 -7.60 6.32 -15.43
N GLY B 137 -7.80 6.72 -14.17
CA GLY B 137 -8.47 7.97 -13.89
C GLY B 137 -7.83 8.82 -12.81
N HIS B 138 -7.85 10.14 -13.03
CA HIS B 138 -7.30 11.10 -12.07
C HIS B 138 -8.39 12.04 -11.55
N SER B 139 -8.48 12.17 -10.23
CA SER B 139 -9.46 13.05 -9.62
C SER B 139 -10.88 12.64 -10.03
N MET B 140 -11.64 13.59 -10.56
CA MET B 140 -13.01 13.32 -11.01
C MET B 140 -13.01 12.12 -11.95
N GLY B 141 -11.96 12.02 -12.77
CA GLY B 141 -11.79 10.93 -13.71
C GLY B 141 -11.64 9.61 -12.98
N GLY B 142 -11.25 9.69 -11.71
CA GLY B 142 -11.09 8.51 -10.86
C GLY B 142 -12.45 8.04 -10.36
N ALA B 143 -13.28 9.00 -9.97
CA ALA B 143 -14.62 8.69 -9.50
C ALA B 143 -15.37 8.06 -10.67
N ILE B 144 -15.12 8.61 -11.86
CA ILE B 144 -15.74 8.09 -13.08
C ILE B 144 -15.36 6.64 -13.30
N ALA B 145 -14.08 6.32 -13.11
CA ALA B 145 -13.58 4.95 -13.29
C ALA B 145 -14.22 4.00 -12.30
N ILE B 146 -14.31 4.41 -11.04
CA ILE B 146 -14.91 3.59 -10.01
C ILE B 146 -16.35 3.28 -10.35
N LEU B 147 -17.10 4.30 -10.76
CA LEU B 147 -18.50 4.13 -11.10
C LEU B 147 -18.68 3.35 -12.39
N THR B 148 -17.66 3.36 -13.24
CA THR B 148 -17.71 2.62 -14.49
C THR B 148 -17.52 1.13 -14.20
N ALA B 149 -16.58 0.84 -13.32
CA ALA B 149 -16.30 -0.55 -12.93
C ALA B 149 -17.42 -1.11 -12.08
N ALA B 150 -18.06 -0.25 -11.30
CA ALA B 150 -19.16 -0.67 -10.44
C ALA B 150 -20.42 -1.01 -11.23
N GLU B 151 -20.52 -0.45 -12.44
CA GLU B 151 -21.68 -0.69 -13.28
C GLU B 151 -21.50 -1.93 -14.15
N ARG B 152 -20.34 -2.56 -14.01
CA ARG B 152 -20.03 -3.77 -14.77
C ARG B 152 -19.02 -4.62 -14.01
N PRO B 153 -19.46 -5.23 -12.89
CA PRO B 153 -18.61 -6.08 -12.05
C PRO B 153 -17.96 -7.22 -12.83
N GLY B 154 -16.67 -7.44 -12.58
CA GLY B 154 -15.91 -8.50 -13.23
C GLY B 154 -15.61 -8.25 -14.70
N HIS B 155 -15.99 -7.07 -15.19
CA HIS B 155 -15.76 -6.72 -16.59
C HIS B 155 -14.36 -6.18 -16.83
N PHE B 156 -13.90 -5.30 -15.94
CA PHE B 156 -12.59 -4.68 -16.12
C PHE B 156 -11.45 -5.41 -15.42
N ALA B 157 -10.34 -5.57 -16.14
CA ALA B 157 -9.18 -6.27 -15.61
C ALA B 157 -8.55 -5.55 -14.43
N GLY B 158 -8.30 -4.25 -14.59
CA GLY B 158 -7.70 -3.45 -13.52
C GLY B 158 -8.07 -1.99 -13.60
N MET B 159 -7.73 -1.26 -12.53
CA MET B 159 -8.02 0.17 -12.44
C MET B 159 -6.81 0.88 -11.86
N VAL B 160 -6.39 1.97 -12.49
CA VAL B 160 -5.27 2.77 -12.00
C VAL B 160 -5.82 4.11 -11.55
N LEU B 161 -5.71 4.40 -10.26
CA LEU B 161 -6.24 5.64 -9.71
C LEU B 161 -5.18 6.60 -9.18
N ILE B 162 -5.14 7.79 -9.77
CA ILE B 162 -4.21 8.84 -9.35
C ILE B 162 -5.00 9.91 -8.61
N SER B 163 -4.89 9.91 -7.28
CA SER B 163 -5.60 10.86 -6.42
C SER B 163 -7.05 11.06 -6.84
N PRO B 164 -7.81 9.96 -6.91
CA PRO B 164 -9.22 9.92 -7.31
C PRO B 164 -10.15 10.70 -6.39
N LEU B 165 -11.24 11.23 -6.96
CA LEU B 165 -12.24 11.97 -6.20
C LEU B 165 -13.09 10.94 -5.47
N VAL B 166 -12.96 10.89 -4.15
CA VAL B 166 -13.64 9.88 -3.35
C VAL B 166 -14.51 10.42 -2.21
N LEU B 167 -14.02 11.44 -1.51
CA LEU B 167 -14.80 12.01 -0.43
C LEU B 167 -14.91 13.53 -0.55
N ALA B 168 -16.09 14.04 -0.22
CA ALA B 168 -16.32 15.49 -0.28
C ALA B 168 -15.63 16.15 0.90
N ASN B 169 -15.00 17.29 0.65
CA ASN B 169 -14.34 18.03 1.71
C ASN B 169 -15.42 18.48 2.70
N PRO B 170 -15.12 18.41 4.00
CA PRO B 170 -16.17 18.83 4.93
C PRO B 170 -15.98 20.29 5.32
N GLU B 171 -17.07 20.96 5.67
CA GLU B 171 -18.38 20.33 5.68
C GLU B 171 -19.24 20.85 4.54
N SER B 172 -18.73 20.72 3.33
CA SER B 172 -19.45 21.17 2.13
C SER B 172 -20.51 20.15 1.76
N ALA B 173 -20.66 19.12 2.59
CA ALA B 173 -21.63 18.05 2.33
C ALA B 173 -22.70 17.97 3.41
N THR B 174 -22.70 18.92 4.34
CA THR B 174 -23.71 18.93 5.38
C THR B 174 -25.06 19.16 4.73
N THR B 175 -26.13 18.75 5.42
CA THR B 175 -27.48 18.92 4.88
C THR B 175 -27.77 20.42 4.71
N PHE B 176 -27.05 21.24 5.46
CA PHE B 176 -27.22 22.69 5.38
C PHE B 176 -26.53 23.24 4.14
N LYS B 177 -25.33 22.72 3.85
CA LYS B 177 -24.57 23.16 2.69
C LYS B 177 -25.20 22.59 1.41
N VAL B 178 -25.91 21.48 1.56
CA VAL B 178 -26.58 20.85 0.43
C VAL B 178 -27.87 21.61 0.10
N LEU B 179 -28.58 22.04 1.13
CA LEU B 179 -29.81 22.82 0.94
C LEU B 179 -29.41 24.20 0.40
N ALA B 180 -28.41 24.81 1.03
CA ALA B 180 -27.93 26.12 0.62
C ALA B 180 -27.57 26.11 -0.87
N ALA B 181 -26.75 25.14 -1.26
CA ALA B 181 -26.32 25.01 -2.65
C ALA B 181 -27.48 24.79 -3.63
N LYS B 182 -28.43 23.96 -3.25
CA LYS B 182 -29.59 23.70 -4.10
C LYS B 182 -30.44 24.95 -4.25
N VAL B 183 -30.40 25.80 -3.22
CA VAL B 183 -31.14 27.07 -3.23
C VAL B 183 -30.43 27.98 -4.23
N LEU B 184 -29.13 28.12 -4.06
CA LEU B 184 -28.30 28.93 -4.95
C LEU B 184 -28.51 28.51 -6.40
N ASN B 185 -28.60 27.21 -6.62
CA ASN B 185 -28.75 26.63 -7.95
C ASN B 185 -30.01 27.07 -8.68
N LEU B 186 -31.08 27.34 -7.93
CA LEU B 186 -32.34 27.76 -8.54
C LEU B 186 -32.23 29.15 -9.14
N VAL B 187 -31.37 29.98 -8.57
CA VAL B 187 -31.19 31.35 -9.03
C VAL B 187 -29.95 31.53 -9.89
N LEU B 188 -28.79 31.14 -9.35
CA LEU B 188 -27.52 31.28 -10.07
C LEU B 188 -26.74 29.97 -10.13
N PRO B 189 -27.15 29.05 -11.01
CA PRO B 189 -26.50 27.75 -11.18
C PRO B 189 -25.07 27.87 -11.73
N ASN B 190 -24.81 28.94 -12.48
CA ASN B 190 -23.51 29.16 -13.08
C ASN B 190 -22.59 30.03 -12.24
N LEU B 191 -23.04 30.38 -11.04
CA LEU B 191 -22.21 31.20 -10.17
C LEU B 191 -20.97 30.41 -9.75
N SER B 192 -19.81 31.02 -9.89
CA SER B 192 -18.55 30.36 -9.53
C SER B 192 -18.27 30.49 -8.03
N LEU B 193 -17.87 29.38 -7.43
CA LEU B 193 -17.56 29.35 -6.01
C LEU B 193 -16.13 29.85 -5.80
N GLY B 194 -15.58 30.46 -6.85
CA GLY B 194 -14.23 31.00 -6.83
C GLY B 194 -13.20 30.04 -7.39
N PRO B 195 -12.13 30.58 -7.98
CA PRO B 195 -11.06 29.75 -8.54
C PRO B 195 -10.07 29.39 -7.44
N ILE B 196 -9.28 28.36 -7.65
CA ILE B 196 -8.32 27.91 -6.64
C ILE B 196 -6.89 28.30 -6.98
N ASP B 197 -6.03 28.30 -5.97
CA ASP B 197 -4.63 28.59 -6.16
C ASP B 197 -4.01 27.41 -6.88
N SER B 198 -3.65 27.61 -8.15
CA SER B 198 -3.07 26.54 -8.96
C SER B 198 -1.81 25.96 -8.33
N SER B 199 -1.19 26.73 -7.44
CA SER B 199 0.04 26.29 -6.78
C SER B 199 -0.13 25.02 -5.93
N VAL B 200 -1.35 24.70 -5.54
CA VAL B 200 -1.59 23.50 -4.73
C VAL B 200 -1.78 22.25 -5.60
N LEU B 201 -1.76 22.44 -6.90
CA LEU B 201 -1.91 21.34 -7.86
C LEU B 201 -0.69 20.43 -7.85
N SER B 202 0.49 21.03 -7.86
CA SER B 202 1.73 20.27 -7.87
C SER B 202 2.88 21.13 -7.35
N ARG B 203 3.91 20.50 -6.82
CA ARG B 203 5.07 21.21 -6.29
C ARG B 203 5.98 21.62 -7.43
N ASN B 204 5.77 20.99 -8.59
CA ASN B 204 6.54 21.30 -9.79
C ASN B 204 6.01 22.61 -10.41
N LYS B 205 6.75 23.70 -10.20
CA LYS B 205 6.35 25.03 -10.68
C LYS B 205 6.21 25.16 -12.20
N THR B 206 6.97 24.36 -12.94
CA THR B 206 6.90 24.42 -14.39
C THR B 206 5.56 23.85 -14.85
N GLU B 207 5.13 22.77 -14.21
CA GLU B 207 3.87 22.12 -14.53
C GLU B 207 2.68 23.00 -14.15
N VAL B 208 2.84 23.79 -13.10
CA VAL B 208 1.77 24.69 -12.67
C VAL B 208 1.63 25.76 -13.74
N ASP B 209 2.77 26.20 -14.28
CA ASP B 209 2.79 27.20 -15.33
C ASP B 209 2.16 26.66 -16.61
N ILE B 210 2.53 25.43 -16.95
CA ILE B 210 2.01 24.77 -18.15
C ILE B 210 0.49 24.69 -18.04
N TYR B 211 0.02 24.30 -16.87
CA TYR B 211 -1.39 24.15 -16.59
C TYR B 211 -2.11 25.49 -16.73
N ASN B 212 -1.41 26.57 -16.38
CA ASN B 212 -1.99 27.90 -16.44
C ASN B 212 -2.01 28.53 -17.83
N SER B 213 -1.22 27.98 -18.76
CA SER B 213 -1.18 28.52 -20.11
C SER B 213 -1.81 27.61 -21.17
N ASP B 214 -2.43 26.52 -20.72
CA ASP B 214 -3.10 25.58 -21.63
C ASP B 214 -4.53 26.09 -21.83
N PRO B 215 -4.85 26.56 -23.05
CA PRO B 215 -6.16 27.09 -23.44
C PRO B 215 -7.25 26.03 -23.42
N LEU B 216 -6.86 24.77 -23.33
CA LEU B 216 -7.81 23.66 -23.33
C LEU B 216 -8.25 23.33 -21.91
N ILE B 217 -7.65 24.00 -20.93
CA ILE B 217 -7.98 23.79 -19.53
C ILE B 217 -8.93 24.88 -19.06
N CYS B 218 -9.94 24.50 -18.30
CA CYS B 218 -10.86 25.48 -17.74
C CYS B 218 -10.39 25.80 -16.33
N ARG B 219 -9.93 27.03 -16.13
CA ARG B 219 -9.43 27.45 -14.83
C ARG B 219 -10.42 28.37 -14.14
N ALA B 220 -11.60 28.52 -14.73
CA ALA B 220 -12.64 29.35 -14.15
C ALA B 220 -13.10 28.64 -12.88
N GLY B 221 -13.73 29.39 -11.98
CA GLY B 221 -14.20 28.79 -10.74
C GLY B 221 -15.25 27.71 -10.99
N LEU B 222 -15.35 26.77 -10.06
CA LEU B 222 -16.32 25.69 -10.15
C LEU B 222 -17.75 26.24 -9.99
N LYS B 223 -18.63 25.91 -10.93
CA LYS B 223 -20.00 26.40 -10.89
C LYS B 223 -20.84 25.67 -9.85
N VAL B 224 -21.84 26.37 -9.31
CA VAL B 224 -22.72 25.81 -8.29
C VAL B 224 -23.35 24.50 -8.76
N CYS B 225 -23.90 24.51 -9.97
CA CYS B 225 -24.55 23.33 -10.53
C CYS B 225 -23.60 22.15 -10.67
N PHE B 226 -22.35 22.43 -11.06
CA PHE B 226 -21.36 21.38 -11.21
C PHE B 226 -20.92 20.88 -9.84
N GLY B 227 -20.82 21.79 -8.88
CA GLY B 227 -20.46 21.45 -7.52
C GLY B 227 -21.44 20.46 -6.95
N ILE B 228 -22.71 20.63 -7.30
CA ILE B 228 -23.77 19.73 -6.87
C ILE B 228 -23.56 18.35 -7.49
N GLN B 229 -23.18 18.34 -8.76
CA GLN B 229 -22.94 17.09 -9.47
C GLN B 229 -21.73 16.35 -8.90
N LEU B 230 -20.72 17.10 -8.49
CA LEU B 230 -19.51 16.52 -7.90
C LEU B 230 -19.81 15.90 -6.55
N LEU B 231 -20.83 16.42 -5.86
CA LEU B 231 -21.23 15.88 -4.56
C LEU B 231 -21.99 14.58 -4.81
N ASN B 232 -22.76 14.55 -5.90
CA ASN B 232 -23.50 13.36 -6.28
C ASN B 232 -22.48 12.26 -6.56
N ALA B 233 -21.37 12.64 -7.18
CA ALA B 233 -20.32 11.70 -7.52
C ALA B 233 -19.75 10.98 -6.29
N VAL B 234 -19.23 11.76 -5.33
CA VAL B 234 -18.66 11.17 -4.13
C VAL B 234 -19.67 10.32 -3.37
N SER B 235 -20.94 10.72 -3.42
CA SER B 235 -22.00 9.98 -2.75
C SER B 235 -22.19 8.63 -3.44
N ARG B 236 -22.16 8.65 -4.77
CA ARG B 236 -22.32 7.44 -5.55
C ARG B 236 -21.11 6.52 -5.38
N VAL B 237 -19.94 7.12 -5.18
CA VAL B 237 -18.71 6.35 -4.98
C VAL B 237 -18.77 5.60 -3.66
N GLU B 238 -19.22 6.30 -2.61
CA GLU B 238 -19.31 5.68 -1.29
C GLU B 238 -20.26 4.49 -1.26
N ARG B 239 -21.29 4.54 -2.10
CA ARG B 239 -22.27 3.46 -2.18
C ARG B 239 -21.71 2.27 -2.97
N ALA B 240 -20.93 2.57 -4.01
CA ALA B 240 -20.35 1.54 -4.86
C ALA B 240 -19.24 0.74 -4.19
N LEU B 241 -18.46 1.40 -3.35
CA LEU B 241 -17.34 0.78 -2.66
C LEU B 241 -17.60 -0.63 -2.12
N PRO B 242 -18.79 -0.85 -1.54
CA PRO B 242 -19.13 -2.17 -0.99
C PRO B 242 -19.28 -3.22 -2.09
N LYS B 243 -19.13 -2.79 -3.34
CA LYS B 243 -19.25 -3.69 -4.48
C LYS B 243 -18.09 -3.52 -5.44
N LEU B 244 -17.04 -2.85 -4.98
CA LEU B 244 -15.86 -2.63 -5.81
C LEU B 244 -14.93 -3.84 -5.66
N THR B 245 -14.80 -4.61 -6.73
CA THR B 245 -13.99 -5.82 -6.72
C THR B 245 -12.85 -5.78 -7.72
N VAL B 246 -12.85 -4.78 -8.59
CA VAL B 246 -11.82 -4.64 -9.62
C VAL B 246 -10.44 -4.43 -9.00
N PRO B 247 -9.41 -5.09 -9.57
CA PRO B 247 -8.06 -4.88 -9.04
C PRO B 247 -7.65 -3.45 -9.30
N PHE B 248 -6.99 -2.81 -8.35
CA PHE B 248 -6.60 -1.43 -8.55
C PHE B 248 -5.29 -0.98 -7.93
N LEU B 249 -4.68 0.01 -8.58
CA LEU B 249 -3.45 0.63 -8.11
C LEU B 249 -3.87 2.03 -7.66
N LEU B 250 -3.54 2.38 -6.42
CA LEU B 250 -3.94 3.67 -5.86
C LEU B 250 -2.75 4.56 -5.52
N LEU B 251 -2.61 5.66 -6.27
CA LEU B 251 -1.53 6.61 -6.05
C LEU B 251 -2.07 7.89 -5.42
N GLN B 252 -1.53 8.24 -4.25
CA GLN B 252 -1.99 9.43 -3.53
C GLN B 252 -0.87 10.23 -2.87
N GLY B 253 -0.96 11.55 -2.95
CA GLY B 253 0.00 12.43 -2.32
C GLY B 253 -0.47 12.75 -0.92
N SER B 254 0.47 12.85 0.02
CA SER B 254 0.12 13.13 1.40
C SER B 254 -0.29 14.58 1.62
N ALA B 255 0.24 15.48 0.80
CA ALA B 255 -0.06 16.90 0.91
C ALA B 255 -1.04 17.39 -0.17
N ASP B 256 -2.01 16.55 -0.50
CA ASP B 256 -3.02 16.88 -1.49
C ASP B 256 -4.17 17.67 -0.86
N ARG B 257 -4.36 18.91 -1.32
CA ARG B 257 -5.39 19.77 -0.76
C ARG B 257 -6.73 19.72 -1.47
N LEU B 258 -6.80 19.01 -2.59
CA LEU B 258 -8.04 18.88 -3.34
C LEU B 258 -8.68 17.53 -3.06
N CYS B 259 -7.85 16.50 -3.04
CA CYS B 259 -8.31 15.15 -2.73
C CYS B 259 -7.56 14.64 -1.50
N ASP B 260 -8.13 14.89 -0.33
CA ASP B 260 -7.53 14.50 0.95
C ASP B 260 -7.08 13.04 1.01
N SER B 261 -5.84 12.85 1.46
CA SER B 261 -5.27 11.51 1.60
C SER B 261 -6.20 10.57 2.36
N LYS B 262 -6.99 11.14 3.26
CA LYS B 262 -7.95 10.37 4.05
C LYS B 262 -8.78 9.48 3.14
N GLY B 263 -9.34 10.07 2.09
CA GLY B 263 -10.16 9.35 1.14
C GLY B 263 -9.50 8.12 0.54
N ALA B 264 -8.19 8.20 0.30
CA ALA B 264 -7.45 7.08 -0.25
C ALA B 264 -7.41 5.91 0.73
N TYR B 265 -6.98 6.19 1.96
CA TYR B 265 -6.91 5.17 2.99
C TYR B 265 -8.28 4.52 3.13
N LEU B 266 -9.31 5.36 3.03
CA LEU B 266 -10.69 4.92 3.13
C LEU B 266 -11.04 3.96 2.00
N LEU B 267 -10.57 4.29 0.80
CA LEU B 267 -10.81 3.47 -0.38
C LEU B 267 -10.20 2.08 -0.22
N MET B 268 -8.97 2.04 0.29
CA MET B 268 -8.25 0.79 0.50
C MET B 268 -8.97 -0.12 1.49
N GLU B 269 -9.67 0.49 2.44
CA GLU B 269 -10.38 -0.26 3.46
C GLU B 269 -11.79 -0.69 3.05
N LEU B 270 -12.52 0.23 2.44
CA LEU B 270 -13.91 -0.03 2.06
C LEU B 270 -14.11 -0.92 0.84
N ALA B 271 -13.25 -0.77 -0.17
CA ALA B 271 -13.37 -1.59 -1.37
C ALA B 271 -13.14 -3.06 -1.03
N LYS B 272 -13.93 -3.94 -1.66
CA LYS B 272 -13.81 -5.37 -1.42
C LYS B 272 -12.75 -6.01 -2.30
N SER B 273 -12.15 -5.21 -3.18
CA SER B 273 -11.12 -5.66 -4.10
C SER B 273 -10.10 -6.61 -3.45
N GLN B 274 -9.85 -7.75 -4.09
CA GLN B 274 -8.91 -8.73 -3.58
C GLN B 274 -7.48 -8.38 -4.03
N ASP B 275 -7.39 -7.48 -5.00
CA ASP B 275 -6.12 -7.06 -5.55
C ASP B 275 -6.06 -5.53 -5.55
N LYS B 276 -5.68 -4.95 -4.41
CA LYS B 276 -5.60 -3.51 -4.27
C LYS B 276 -4.27 -3.06 -3.67
N THR B 277 -3.67 -2.02 -4.25
CA THR B 277 -2.39 -1.52 -3.79
C THR B 277 -2.40 -0.01 -3.57
N LEU B 278 -1.76 0.44 -2.50
CA LEU B 278 -1.70 1.87 -2.20
C LEU B 278 -0.27 2.39 -2.08
N LYS B 279 0.04 3.43 -2.85
CA LYS B 279 1.35 4.06 -2.81
C LYS B 279 1.19 5.51 -2.37
N ILE B 280 1.88 5.89 -1.30
CA ILE B 280 1.80 7.24 -0.78
C ILE B 280 3.05 8.04 -1.10
N TYR B 281 2.87 9.23 -1.64
CA TYR B 281 3.98 10.11 -1.97
C TYR B 281 4.06 11.25 -0.96
N GLU B 282 5.04 11.15 -0.07
CA GLU B 282 5.25 12.11 1.01
C GLU B 282 5.50 13.54 0.54
N GLY B 283 4.60 14.44 0.92
CA GLY B 283 4.70 15.84 0.57
C GLY B 283 4.14 16.19 -0.79
N ALA B 284 3.88 15.17 -1.61
CA ALA B 284 3.36 15.36 -2.96
C ALA B 284 1.98 16.03 -2.98
N TYR B 285 1.75 16.84 -4.02
CA TYR B 285 0.48 17.52 -4.18
C TYR B 285 -0.58 16.70 -4.91
N HIS B 286 -1.45 17.37 -5.65
CA HIS B 286 -2.57 16.72 -6.34
C HIS B 286 -2.24 16.00 -7.65
N VAL B 287 -1.60 16.71 -8.59
CA VAL B 287 -1.26 16.10 -9.88
C VAL B 287 0.03 15.28 -9.84
N LEU B 288 -0.08 14.06 -9.31
CA LEU B 288 1.04 13.15 -9.15
C LEU B 288 1.84 12.88 -10.44
N HIS B 289 1.15 12.72 -11.55
CA HIS B 289 1.82 12.44 -12.82
C HIS B 289 2.47 13.68 -13.44
N LYS B 290 2.32 14.82 -12.76
CA LYS B 290 2.92 16.07 -13.22
C LYS B 290 3.55 16.78 -12.03
N GLU B 291 4.12 16.00 -11.12
CA GLU B 291 4.75 16.53 -9.91
C GLU B 291 6.25 16.69 -10.09
N LEU B 292 6.98 16.61 -8.99
CA LEU B 292 8.44 16.71 -9.04
C LEU B 292 8.95 15.49 -9.80
N PRO B 293 10.08 15.62 -10.51
CA PRO B 293 10.64 14.54 -11.32
C PRO B 293 10.74 13.19 -10.60
N GLU B 294 11.14 13.21 -9.34
CA GLU B 294 11.27 11.98 -8.58
C GLU B 294 9.92 11.30 -8.37
N VAL B 295 8.89 12.10 -8.13
CA VAL B 295 7.54 11.57 -7.94
C VAL B 295 6.98 11.05 -9.25
N THR B 296 7.05 11.86 -10.29
CA THR B 296 6.54 11.51 -11.61
C THR B 296 7.21 10.28 -12.19
N ASN B 297 8.53 10.19 -12.03
CA ASN B 297 9.29 9.04 -12.53
C ASN B 297 8.80 7.77 -11.84
N SER B 298 8.61 7.87 -10.53
CA SER B 298 8.13 6.74 -9.75
C SER B 298 6.71 6.36 -10.17
N VAL B 299 5.89 7.37 -10.45
CA VAL B 299 4.51 7.13 -10.85
C VAL B 299 4.44 6.38 -12.18
N PHE B 300 5.19 6.86 -13.17
CA PHE B 300 5.22 6.21 -14.48
C PHE B 300 5.72 4.78 -14.34
N HIS B 301 6.75 4.61 -13.52
CA HIS B 301 7.35 3.29 -13.31
C HIS B 301 6.38 2.31 -12.64
N GLU B 302 5.75 2.75 -11.56
CA GLU B 302 4.81 1.93 -10.82
C GLU B 302 3.61 1.54 -11.68
N ILE B 303 3.14 2.49 -12.48
CA ILE B 303 2.02 2.23 -13.37
C ILE B 303 2.47 1.18 -14.37
N ASN B 304 3.72 1.32 -14.81
CA ASN B 304 4.32 0.38 -15.76
C ASN B 304 4.31 -1.03 -15.20
N MET B 305 4.94 -1.22 -14.04
CA MET B 305 5.02 -2.52 -13.40
C MET B 305 3.64 -3.14 -13.16
N TRP B 306 2.73 -2.33 -12.63
CA TRP B 306 1.39 -2.81 -12.29
C TRP B 306 0.61 -3.34 -13.49
N VAL B 307 0.56 -2.56 -14.57
CA VAL B 307 -0.15 -2.98 -15.76
C VAL B 307 0.55 -4.13 -16.48
N SER B 308 1.87 -4.07 -16.55
CA SER B 308 2.66 -5.11 -17.20
C SER B 308 2.44 -6.48 -16.55
N GLN B 309 2.48 -6.52 -15.23
CA GLN B 309 2.29 -7.76 -14.50
C GLN B 309 0.89 -8.32 -14.73
N ARG B 310 -0.07 -7.43 -14.94
CA ARG B 310 -1.46 -7.84 -15.13
C ARG B 310 -1.87 -8.03 -16.58
N THR B 311 -0.90 -7.98 -17.49
CA THR B 311 -1.16 -8.20 -18.91
C THR B 311 -0.28 -9.34 -19.42
N ALA B 312 -0.44 -9.70 -20.69
CA ALA B 312 0.34 -10.77 -21.26
C ALA B 312 0.46 -10.63 -22.78
C13 64D C . -1.03 -6.77 23.73
C17 64D C . 1.22 -6.04 24.22
C14 64D C . -1.18 -7.16 25.04
C16 64D C . 1.06 -6.43 25.53
C10 64D C . 0.17 -6.22 23.35
C15 64D C . -0.14 -6.98 25.93
C19 64D C . 3.54 -10.50 16.81
C4 64D C . 2.39 -9.58 20.11
C5 64D C . 0.97 -8.54 18.42
C2 64D C . 2.82 -10.65 19.13
C3 64D C . 1.36 -9.58 17.40
C6 64D C . 0.98 -9.19 19.79
C7 64D C . 0.38 -8.29 20.84
N1 64D C . 2.59 -10.23 17.77
N8 64D C . 1.19 -7.07 20.99
O20 64D C . 4.55 -11.16 16.92
O11 64D C . -0.95 -5.60 21.11
O12 64D C . 1.30 -4.59 21.71
S9 64D C . 0.38 -5.71 21.66
CL1 64D C . -0.32 -7.47 27.57
C13 64D D . -16.88 18.80 -3.90
C17 64D D . -15.58 20.71 -3.26
C14 64D D . -17.99 19.60 -4.00
C16 64D D . -16.69 21.50 -3.36
C10 64D D . -15.69 19.37 -3.54
C15 64D D . -17.89 20.93 -3.72
C19 64D D . -10.72 16.62 -9.79
C4 64D D . -13.07 18.55 -8.40
C5 64D D . -11.52 17.67 -6.68
C2 64D D . -11.91 18.67 -9.37
C3 64D D . -10.39 17.75 -7.66
C6 64D D . -12.57 18.73 -6.98
C7 64D D . -13.73 18.57 -6.04
N1 64D D . -10.90 17.72 -9.01
N8 64D D . -13.31 18.99 -4.69
O20 64D D . -10.99 16.50 -10.97
O11 64D D . -13.64 18.66 -2.14
O12 64D D . -14.71 17.01 -3.75
S9 64D D . -14.25 18.35 -3.42
CL1 64D D . -19.29 21.95 -3.84
#